data_5WEV
#
_entry.id   5WEV
#
_cell.length_a   107.653
_cell.length_b   69.542
_cell.length_c   50.629
_cell.angle_alpha   90.00
_cell.angle_beta   98.93
_cell.angle_gamma   90.00
#
_symmetry.space_group_name_H-M   'C 1 2 1'
#
loop_
_entity.id
_entity.type
_entity.pdbx_description
1 polymer 'Tyrosine-protein kinase JAK2'
2 non-polymer N-[2-(2,6-dichlorophenyl)-1H-imidazo[4,5-c]pyridin-4-yl]cyclopropanecarboxamide
3 water water
#
_entity_poly.entity_id   1
_entity_poly.type   'polypeptide(L)'
_entity_poly.pdbx_seq_one_letter_code
;MGSSHHHHHHSSGLVPRGSSGAFEDRDPTQFEERHLKFLQQLGKGNFGSVEMCRYDPLQDNTGEVVAVKKLQHSTEEHLR
DFEREIEILKSLQHDNIVKYKGVCYSAGRRNLKLIMEYLPYGSLRDYLQKHKERIDHIKLLQYTSQICKGMEYLGTKRYI
HRDLATRNILVENENRVKIGDFGLTKVLPQDKE(PTR)(PTR)KVKEPGESPIFWYAPESLTESKFSVASDVWSFGVVLY
ELFTYIEKSKSPPAEFMRMIGNDKQGQMIVFHLIELLKNNGRLPRPDGCPDEIYMIMTECWNNNVNQRPSFRDLALRVDQ
IRDNMAG
;
_entity_poly.pdbx_strand_id   A
#
loop_
_chem_comp.id
_chem_comp.type
_chem_comp.name
_chem_comp.formula
9ZS non-polymer N-[2-(2,6-dichlorophenyl)-1H-imidazo[4,5-c]pyridin-4-yl]cyclopropanecarboxamide 'C16 H12 Cl2 N4 O'
#
# COMPACT_ATOMS: atom_id res chain seq x y z
N SER A 20 45.44 -0.80 -0.97
CA SER A 20 45.90 -2.14 -0.49
C SER A 20 45.22 -3.33 -1.18
N GLY A 21 43.99 -3.11 -1.65
CA GLY A 21 43.17 -4.20 -2.19
C GLY A 21 42.63 -4.04 -3.59
N ALA A 22 42.39 -5.18 -4.25
CA ALA A 22 41.70 -5.25 -5.53
C ALA A 22 40.21 -5.33 -5.22
N PHE A 23 39.37 -4.98 -6.20
CA PHE A 23 37.92 -4.95 -6.02
C PHE A 23 37.20 -5.45 -7.24
N GLU A 24 36.24 -6.35 -7.00
CA GLU A 24 35.34 -6.85 -8.02
C GLU A 24 33.90 -6.80 -7.50
N ASP A 25 33.09 -5.99 -8.18
CA ASP A 25 31.67 -5.87 -7.87
C ASP A 25 30.82 -6.68 -8.84
N ARG A 26 30.32 -7.81 -8.33
CA ARG A 26 29.43 -8.69 -9.09
C ARG A 26 28.01 -8.65 -8.54
N ASP A 27 27.74 -7.67 -7.68
CA ASP A 27 26.43 -7.56 -7.05
C ASP A 27 26.08 -6.10 -6.74
N PRO A 28 25.47 -5.41 -7.71
CA PRO A 28 25.01 -4.03 -7.49
C PRO A 28 23.80 -3.91 -6.53
N THR A 29 23.25 -5.04 -6.07
CA THR A 29 22.18 -5.01 -5.06
C THR A 29 22.74 -4.95 -3.61
N GLN A 30 24.07 -5.01 -3.46
CA GLN A 30 24.68 -4.87 -2.13
C GLN A 30 25.28 -3.48 -1.94
N PHE A 31 24.60 -2.67 -1.15
CA PHE A 31 25.03 -1.30 -0.91
C PHE A 31 25.99 -1.28 0.27
N GLU A 32 27.12 -0.61 0.08
CA GLU A 32 28.13 -0.52 1.13
C GLU A 32 27.78 0.57 2.14
N GLU A 33 27.74 0.17 3.41
CA GLU A 33 27.36 1.01 4.54
C GLU A 33 28.12 2.35 4.57
N ARG A 34 29.45 2.29 4.37
CA ARG A 34 30.29 3.49 4.42
C ARG A 34 29.94 4.53 3.34
N HIS A 35 29.30 4.09 2.25
CA HIS A 35 28.95 5.01 1.15
C HIS A 35 27.50 5.53 1.18
N LEU A 36 26.71 5.04 2.12
CA LEU A 36 25.33 5.48 2.27
C LEU A 36 25.24 6.66 3.24
N LYS A 37 24.92 7.84 2.71
CA LYS A 37 25.01 9.10 3.47
C LYS A 37 23.63 9.66 3.79
N PHE A 38 23.40 9.96 5.07
CA PHE A 38 22.10 10.42 5.56
C PHE A 38 21.68 11.78 4.97
N LEU A 39 20.44 11.85 4.47
CA LEU A 39 19.86 13.11 4.03
C LEU A 39 18.70 13.60 4.88
N GLN A 40 17.78 12.70 5.21
CA GLN A 40 16.60 13.06 5.98
C GLN A 40 15.86 11.86 6.56
N GLN A 41 15.22 12.09 7.70
CA GLN A 41 14.32 11.12 8.32
C GLN A 41 12.95 11.30 7.68
N LEU A 42 12.36 10.21 7.19
CA LEU A 42 11.08 10.30 6.46
C LEU A 42 9.84 9.88 7.24
N GLY A 43 10.01 9.13 8.33
CA GLY A 43 8.87 8.68 9.12
C GLY A 43 9.17 7.39 9.84
N LYS A 44 8.63 7.25 11.06
CA LYS A 44 8.94 6.13 11.97
C LYS A 44 7.75 5.19 12.19
N GLY A 48 8.90 0.12 11.88
CA GLY A 48 10.03 0.52 11.04
C GLY A 48 10.13 2.01 10.78
N SER A 49 11.32 2.45 10.38
CA SER A 49 11.51 3.82 9.95
C SER A 49 12.23 3.86 8.61
N VAL A 50 11.98 4.94 7.87
CA VAL A 50 12.52 5.16 6.54
C VAL A 50 13.34 6.45 6.55
N GLU A 51 14.52 6.39 5.97
CA GLU A 51 15.35 7.56 5.77
C GLU A 51 15.59 7.77 4.29
N MET A 52 15.83 9.02 3.92
CA MET A 52 16.37 9.37 2.60
C MET A 52 17.90 9.42 2.74
N CYS A 53 18.59 8.78 1.79
CA CYS A 53 20.05 8.71 1.77
C CYS A 53 20.56 8.96 0.36
N ARG A 54 21.83 9.32 0.29
CA ARG A 54 22.56 9.48 -0.95
C ARG A 54 23.59 8.33 -1.00
N TYR A 55 23.69 7.61 -2.11
CA TYR A 55 24.69 6.55 -2.23
C TYR A 55 25.86 7.02 -3.08
N ASP A 56 27.01 7.20 -2.43
CA ASP A 56 28.13 7.96 -2.99
C ASP A 56 29.46 7.16 -2.99
N PRO A 57 29.53 6.06 -3.79
CA PRO A 57 30.75 5.26 -3.74
C PRO A 57 31.97 5.98 -4.36
N LEU A 58 31.74 6.85 -5.33
CA LEU A 58 32.84 7.59 -5.97
C LEU A 58 33.34 8.78 -5.15
N GLN A 59 32.85 8.91 -3.91
CA GLN A 59 33.34 9.86 -2.89
C GLN A 59 33.25 11.34 -3.30
N ASP A 60 32.46 11.62 -4.34
CA ASP A 60 32.48 12.95 -5.00
C ASP A 60 31.33 13.89 -4.61
N ASN A 61 30.68 13.60 -3.48
CA ASN A 61 29.55 14.40 -2.95
C ASN A 61 28.27 14.40 -3.81
N THR A 62 28.16 13.43 -4.72
CA THR A 62 26.93 13.22 -5.52
C THR A 62 26.38 11.82 -5.24
N GLY A 63 25.82 11.16 -6.26
CA GLY A 63 25.28 9.82 -6.13
C GLY A 63 23.76 9.79 -6.12
N GLU A 64 23.21 8.61 -6.35
CA GLU A 64 21.77 8.40 -6.40
C GLU A 64 21.10 8.61 -5.03
N VAL A 65 19.93 9.25 -5.04
CA VAL A 65 19.11 9.38 -3.83
C VAL A 65 18.24 8.14 -3.70
N VAL A 66 18.23 7.54 -2.53
CA VAL A 66 17.47 6.30 -2.27
C VAL A 66 16.70 6.40 -0.95
N ALA A 67 15.69 5.56 -0.78
CA ALA A 67 15.02 5.40 0.51
C ALA A 67 15.57 4.16 1.20
N VAL A 68 15.72 4.26 2.52
CA VAL A 68 16.31 3.19 3.32
C VAL A 68 15.36 2.84 4.44
N LYS A 69 14.92 1.59 4.47
CA LYS A 69 14.03 1.12 5.51
C LYS A 69 14.81 0.29 6.50
N LYS A 70 14.60 0.56 7.78
CA LYS A 70 15.23 -0.21 8.84
C LYS A 70 14.18 -0.65 9.85
N LEU A 71 14.53 -1.67 10.61
CA LEU A 71 13.67 -2.15 11.69
C LEU A 71 13.81 -1.29 12.95
N GLN A 72 12.98 -1.59 13.94
CA GLN A 72 13.18 -1.07 15.30
C GLN A 72 13.77 -2.17 16.20
N HIS A 73 13.20 -3.36 16.15
CA HIS A 73 13.71 -4.52 16.91
C HIS A 73 13.92 -5.75 16.02
N SER A 74 15.18 -6.16 15.88
CA SER A 74 15.53 -7.36 15.11
C SER A 74 15.38 -8.67 15.89
N THR A 75 14.14 -8.99 16.27
CA THR A 75 13.83 -10.26 16.91
C THR A 75 13.85 -11.33 15.85
N GLU A 76 14.03 -12.59 16.24
CA GLU A 76 13.93 -13.68 15.27
C GLU A 76 12.69 -13.54 14.39
N GLU A 77 11.56 -13.14 14.97
CA GLU A 77 10.30 -12.97 14.25
C GLU A 77 10.32 -11.77 13.29
N HIS A 78 10.66 -10.59 13.80
CA HIS A 78 10.59 -9.36 13.00
C HIS A 78 11.60 -9.37 11.87
N LEU A 79 12.78 -9.94 12.11
CA LEU A 79 13.80 -10.08 11.06
C LEU A 79 13.38 -11.06 9.98
N ARG A 80 12.81 -12.21 10.38
CA ARG A 80 12.27 -13.18 9.41
C ARG A 80 11.22 -12.53 8.51
N ASP A 81 10.34 -11.72 9.12
CA ASP A 81 9.30 -11.01 8.38
C ASP A 81 9.88 -9.97 7.45
N PHE A 82 10.91 -9.26 7.93
CA PHE A 82 11.60 -8.24 7.16
C PHE A 82 12.30 -8.88 5.95
N GLU A 83 12.98 -10.00 6.18
CA GLU A 83 13.61 -10.72 5.07
C GLU A 83 12.60 -11.19 3.99
N ARG A 84 11.41 -11.60 4.43
CA ARG A 84 10.34 -12.00 3.53
C ARG A 84 9.80 -10.81 2.73
N GLU A 85 9.66 -9.66 3.40
CA GLU A 85 9.26 -8.40 2.73
C GLU A 85 10.27 -7.99 1.65
N ILE A 86 11.55 -8.13 1.97
CA ILE A 86 12.63 -7.83 1.03
C ILE A 86 12.53 -8.74 -0.19
N GLU A 87 12.36 -10.04 0.05
CA GLU A 87 12.22 -11.01 -1.05
C GLU A 87 11.00 -10.71 -1.92
N ILE A 88 9.89 -10.36 -1.27
CA ILE A 88 8.68 -9.97 -1.98
C ILE A 88 8.95 -8.75 -2.87
N LEU A 89 9.51 -7.68 -2.31
CA LEU A 89 9.76 -6.46 -3.09
C LEU A 89 10.71 -6.74 -4.25
N LYS A 90 11.75 -7.53 -3.99
CA LYS A 90 12.75 -7.86 -5.02
C LYS A 90 12.13 -8.62 -6.22
N SER A 91 11.12 -9.45 -5.93
CA SER A 91 10.44 -10.27 -6.96
C SER A 91 9.51 -9.46 -7.90
N LEU A 92 9.27 -8.20 -7.55
CA LEU A 92 8.31 -7.36 -8.27
C LEU A 92 9.02 -6.36 -9.17
N GLN A 93 8.61 -6.33 -10.44
CA GLN A 93 9.10 -5.33 -11.39
C GLN A 93 7.96 -4.81 -12.26
N HIS A 94 7.43 -3.62 -11.93
CA HIS A 94 6.25 -3.07 -12.58
C HIS A 94 6.25 -1.56 -12.36
N ASP A 95 5.80 -0.81 -13.36
CA ASP A 95 5.73 0.66 -13.31
C ASP A 95 4.98 1.21 -12.10
N ASN A 96 4.05 0.42 -11.56
CA ASN A 96 3.22 0.90 -10.44
C ASN A 96 3.46 0.20 -9.12
N ILE A 97 4.70 -0.27 -8.94
CA ILE A 97 5.15 -0.86 -7.68
C ILE A 97 6.52 -0.22 -7.37
N VAL A 98 6.68 0.25 -6.13
N VAL A 98 6.69 0.27 -6.14
CA VAL A 98 7.97 0.80 -5.62
CA VAL A 98 7.96 0.90 -5.73
C VAL A 98 9.16 -0.09 -6.00
C VAL A 98 9.15 -0.05 -5.99
N LYS A 99 10.20 0.51 -6.57
CA LYS A 99 11.36 -0.27 -7.04
C LYS A 99 12.27 -0.71 -5.89
N TYR A 100 12.51 -2.02 -5.80
CA TYR A 100 13.59 -2.56 -4.99
C TYR A 100 14.91 -2.13 -5.59
N LYS A 101 15.86 -1.73 -4.75
CA LYS A 101 17.21 -1.42 -5.25
C LYS A 101 18.25 -2.38 -4.68
N GLY A 102 18.11 -2.74 -3.42
CA GLY A 102 19.07 -3.65 -2.81
C GLY A 102 18.98 -3.72 -1.31
N VAL A 103 20.04 -4.24 -0.69
CA VAL A 103 20.14 -4.31 0.75
C VAL A 103 21.46 -3.68 1.22
N CYS A 104 21.49 -3.25 2.48
CA CYS A 104 22.74 -2.84 3.12
C CYS A 104 22.89 -3.64 4.41
N TYR A 105 23.98 -4.39 4.51
CA TYR A 105 24.25 -5.15 5.73
C TYR A 105 25.12 -4.30 6.64
N SER A 106 24.48 -3.38 7.35
CA SER A 106 25.17 -2.39 8.17
C SER A 106 25.59 -2.95 9.55
N ALA A 107 26.22 -2.09 10.37
CA ALA A 107 26.83 -2.48 11.68
C ALA A 107 27.83 -3.62 11.51
N GLY A 108 28.71 -3.48 10.53
CA GLY A 108 29.69 -4.52 10.20
C GLY A 108 29.03 -5.83 9.84
N ARG A 109 27.95 -5.76 9.05
CA ARG A 109 27.24 -6.95 8.58
C ARG A 109 26.43 -7.65 9.69
N ARG A 110 26.07 -6.91 10.75
CA ARG A 110 25.26 -7.47 11.86
C ARG A 110 23.87 -6.82 11.96
N ASN A 111 23.44 -6.15 10.89
CA ASN A 111 22.11 -5.52 10.83
C ASN A 111 21.70 -5.56 9.36
N LEU A 112 20.43 -5.28 9.10
CA LEU A 112 19.93 -5.35 7.73
C LEU A 112 19.05 -4.16 7.45
N LYS A 113 19.25 -3.53 6.30
CA LYS A 113 18.43 -2.41 5.86
C LYS A 113 18.05 -2.63 4.41
N LEU A 114 16.84 -2.22 4.06
CA LEU A 114 16.32 -2.37 2.71
C LEU A 114 16.53 -1.06 1.96
N ILE A 115 17.06 -1.16 0.74
CA ILE A 115 17.28 0.00 -0.15
C ILE A 115 16.23 -0.02 -1.28
N MET A 116 15.51 1.09 -1.42
CA MET A 116 14.47 1.18 -2.44
C MET A 116 14.46 2.57 -3.09
N GLU A 117 13.71 2.74 -4.18
CA GLU A 117 13.69 4.07 -4.79
C GLU A 117 13.00 5.07 -3.84
N TYR A 118 13.44 6.32 -3.94
CA TYR A 118 12.82 7.42 -3.20
C TYR A 118 11.74 8.08 -4.09
N LEU A 119 10.54 8.22 -3.52
N LEU A 119 10.53 8.20 -3.53
CA LEU A 119 9.41 8.82 -4.24
CA LEU A 119 9.40 8.83 -4.24
C LEU A 119 9.10 10.19 -3.63
C LEU A 119 9.10 10.20 -3.63
N PRO A 120 9.45 11.28 -4.36
CA PRO A 120 9.43 12.66 -3.80
C PRO A 120 8.14 13.14 -3.18
N TYR A 121 6.99 12.68 -3.68
CA TYR A 121 5.74 13.22 -3.17
C TYR A 121 5.09 12.44 -2.02
N GLY A 122 5.75 11.37 -1.58
CA GLY A 122 5.35 10.64 -0.39
C GLY A 122 4.05 9.92 -0.60
N SER A 123 3.29 9.74 0.48
CA SER A 123 2.09 8.93 0.40
C SER A 123 0.99 9.67 -0.33
N LEU A 124 0.16 8.91 -1.04
CA LEU A 124 -0.98 9.47 -1.73
C LEU A 124 -1.92 10.17 -0.77
N ARG A 125 -2.09 9.61 0.44
CA ARG A 125 -2.93 10.24 1.46
C ARG A 125 -2.48 11.69 1.73
N ASP A 126 -1.17 11.88 1.92
CA ASP A 126 -0.59 13.21 2.18
C ASP A 126 -0.63 14.11 0.97
N TYR A 127 -0.26 13.56 -0.20
CA TYR A 127 -0.29 14.30 -1.46
C TYR A 127 -1.68 14.90 -1.75
N LEU A 128 -2.73 14.09 -1.56
CA LEU A 128 -4.10 14.58 -1.79
C LEU A 128 -4.45 15.72 -0.86
N GLN A 129 -3.96 15.61 0.37
CA GLN A 129 -4.19 16.58 1.44
C GLN A 129 -3.44 17.89 1.16
N LYS A 130 -2.17 17.78 0.72
CA LYS A 130 -1.25 18.91 0.56
C LYS A 130 -1.17 19.55 -0.83
N HIS A 131 -1.72 18.87 -1.84
CA HIS A 131 -1.56 19.34 -3.23
C HIS A 131 -2.87 19.30 -3.99
N LYS A 132 -3.95 19.71 -3.32
CA LYS A 132 -5.28 19.80 -3.92
C LYS A 132 -5.32 20.72 -5.15
N GLU A 133 -4.39 21.68 -5.20
CA GLU A 133 -4.29 22.59 -6.35
C GLU A 133 -4.04 21.88 -7.69
N ARG A 134 -3.42 20.70 -7.64
CA ARG A 134 -3.13 19.96 -8.87
C ARG A 134 -3.94 18.66 -9.04
N ILE A 135 -5.06 18.56 -8.33
CA ILE A 135 -5.86 17.33 -8.38
C ILE A 135 -7.27 17.61 -8.87
N ASP A 136 -7.64 16.93 -9.95
CA ASP A 136 -9.00 16.90 -10.46
C ASP A 136 -9.42 15.44 -10.66
N HIS A 137 -10.65 15.23 -11.12
CA HIS A 137 -11.17 13.86 -11.33
C HIS A 137 -10.40 13.06 -12.36
N ILE A 138 -9.88 13.73 -13.41
CA ILE A 138 -9.03 13.08 -14.40
C ILE A 138 -7.80 12.43 -13.76
N LYS A 139 -7.13 13.18 -12.88
CA LYS A 139 -5.97 12.68 -12.12
C LYS A 139 -6.38 11.53 -11.21
N LEU A 140 -7.53 11.67 -10.54
CA LEU A 140 -8.01 10.64 -9.62
C LEU A 140 -8.24 9.31 -10.33
N LEU A 141 -8.84 9.37 -11.52
CA LEU A 141 -9.07 8.15 -12.32
C LEU A 141 -7.79 7.56 -12.85
N GLN A 142 -6.82 8.42 -13.21
CA GLN A 142 -5.49 7.96 -13.62
C GLN A 142 -4.80 7.19 -12.46
N TYR A 143 -4.88 7.71 -11.24
CA TYR A 143 -4.28 7.03 -10.07
C TYR A 143 -4.99 5.71 -9.80
N THR A 144 -6.31 5.73 -9.93
CA THR A 144 -7.16 4.53 -9.73
C THR A 144 -6.74 3.43 -10.69
N SER A 145 -6.55 3.81 -11.95
CA SER A 145 -6.13 2.88 -12.99
C SER A 145 -4.77 2.24 -12.69
N GLN A 146 -3.81 3.08 -12.31
CA GLN A 146 -2.44 2.62 -12.00
C GLN A 146 -2.42 1.66 -10.79
N ILE A 147 -3.21 1.99 -9.78
CA ILE A 147 -3.37 1.13 -8.61
C ILE A 147 -3.95 -0.24 -9.01
N CYS A 148 -4.99 -0.25 -9.86
CA CYS A 148 -5.53 -1.55 -10.34
C CYS A 148 -4.49 -2.38 -11.10
N LYS A 149 -3.70 -1.72 -11.95
CA LYS A 149 -2.67 -2.42 -12.75
C LYS A 149 -1.55 -3.00 -11.88
N GLY A 150 -1.11 -2.24 -10.88
CA GLY A 150 -0.17 -2.77 -9.88
C GLY A 150 -0.74 -3.98 -9.15
N MET A 151 -2.02 -3.90 -8.79
CA MET A 151 -2.69 -5.04 -8.13
C MET A 151 -2.89 -6.25 -9.07
N GLU A 152 -3.19 -6.00 -10.34
CA GLU A 152 -3.21 -7.10 -11.34
C GLU A 152 -1.87 -7.84 -11.34
N TYR A 153 -0.78 -7.06 -11.36
CA TYR A 153 0.58 -7.61 -11.37
C TYR A 153 0.84 -8.46 -10.10
N LEU A 154 0.46 -7.96 -8.92
CA LEU A 154 0.58 -8.76 -7.68
C LEU A 154 -0.14 -10.10 -7.76
N GLY A 155 -1.32 -10.10 -8.38
CA GLY A 155 -2.11 -11.32 -8.57
C GLY A 155 -1.40 -12.40 -9.36
N THR A 156 -0.61 -11.99 -10.35
CA THR A 156 0.17 -12.93 -11.18
C THR A 156 1.24 -13.64 -10.36
N LYS A 157 1.62 -13.04 -9.24
CA LYS A 157 2.61 -13.61 -8.33
C LYS A 157 1.93 -14.38 -7.18
N ARG A 158 0.59 -14.37 -7.18
CA ARG A 158 -0.24 -14.92 -6.09
C ARG A 158 0.01 -14.20 -4.73
N TYR A 159 0.31 -12.91 -4.81
CA TYR A 159 0.51 -12.10 -3.61
C TYR A 159 -0.79 -11.41 -3.20
N ILE A 160 -1.08 -11.44 -1.90
CA ILE A 160 -2.20 -10.73 -1.29
C ILE A 160 -1.61 -9.64 -0.43
N HIS A 161 -1.94 -8.40 -0.77
CA HIS A 161 -1.30 -7.26 -0.12
C HIS A 161 -1.71 -7.08 1.36
N ARG A 162 -3.02 -7.16 1.62
CA ARG A 162 -3.64 -7.04 2.97
C ARG A 162 -3.66 -5.64 3.58
N ASP A 163 -3.03 -4.65 2.96
CA ASP A 163 -2.97 -3.32 3.57
C ASP A 163 -3.15 -2.17 2.56
N LEU A 164 -3.99 -2.37 1.55
CA LEU A 164 -4.25 -1.32 0.57
C LEU A 164 -4.99 -0.16 1.19
N ALA A 165 -4.41 1.03 1.06
CA ALA A 165 -4.93 2.26 1.66
C ALA A 165 -4.12 3.38 1.03
N THR A 166 -4.67 4.60 0.94
CA THR A 166 -3.90 5.69 0.32
C THR A 166 -2.60 6.03 1.06
N ARG A 167 -2.56 5.76 2.36
CA ARG A 167 -1.31 5.97 3.11
C ARG A 167 -0.16 5.04 2.64
N ASN A 168 -0.51 3.95 1.97
CA ASN A 168 0.47 2.92 1.56
C ASN A 168 0.73 2.91 0.06
N ILE A 169 0.21 3.91 -0.62
CA ILE A 169 0.46 4.14 -2.04
C ILE A 169 1.32 5.40 -2.10
N LEU A 170 2.34 5.36 -2.94
CA LEU A 170 3.33 6.43 -3.03
C LEU A 170 3.28 7.15 -4.36
N VAL A 171 3.66 8.43 -4.36
CA VAL A 171 3.52 9.31 -5.52
C VAL A 171 4.93 9.70 -6.04
N GLU A 172 5.23 9.27 -7.26
CA GLU A 172 6.50 9.65 -7.92
C GLU A 172 6.43 11.07 -8.46
N ASN A 173 5.35 11.37 -9.18
CA ASN A 173 5.08 12.69 -9.72
C ASN A 173 3.58 12.82 -9.97
N GLU A 174 3.16 13.96 -10.51
CA GLU A 174 1.78 14.25 -10.91
C GLU A 174 1.10 13.12 -11.71
N ASN A 175 1.89 12.35 -12.45
CA ASN A 175 1.39 11.35 -13.39
C ASN A 175 1.60 9.88 -13.02
N ARG A 176 2.19 9.60 -11.86
CA ARG A 176 2.55 8.22 -11.52
C ARG A 176 2.47 7.93 -10.02
N VAL A 177 1.66 6.94 -9.67
CA VAL A 177 1.62 6.43 -8.30
C VAL A 177 2.08 4.98 -8.30
N LYS A 178 2.58 4.52 -7.14
CA LYS A 178 3.14 3.18 -7.00
C LYS A 178 2.69 2.56 -5.68
N ILE A 179 2.37 1.27 -5.72
CA ILE A 179 2.03 0.54 -4.49
C ILE A 179 3.31 0.29 -3.69
N GLY A 180 3.26 0.57 -2.38
CA GLY A 180 4.35 0.24 -1.46
C GLY A 180 3.85 -0.60 -0.29
N ASP A 181 4.62 -0.61 0.81
CA ASP A 181 4.18 -1.21 2.07
C ASP A 181 3.87 -2.73 1.93
N PHE A 182 4.88 -3.52 1.59
CA PHE A 182 4.70 -4.98 1.42
C PHE A 182 4.91 -5.82 2.67
N GLY A 183 5.01 -5.15 3.82
CA GLY A 183 5.26 -5.81 5.10
C GLY A 183 4.18 -6.75 5.62
N LEU A 184 2.98 -6.66 5.05
CA LEU A 184 1.87 -7.57 5.39
C LEU A 184 1.53 -8.58 4.30
N THR A 185 2.30 -8.56 3.21
CA THR A 185 1.95 -9.33 2.01
C THR A 185 2.09 -10.83 2.27
N LYS A 186 1.11 -11.61 1.81
CA LYS A 186 1.12 -13.08 1.94
C LYS A 186 1.14 -13.71 0.55
N VAL A 187 1.73 -14.90 0.44
CA VAL A 187 1.82 -15.62 -0.84
C VAL A 187 0.88 -16.83 -0.75
N LEU A 188 -0.06 -16.92 -1.69
CA LEU A 188 -0.94 -18.08 -1.80
C LEU A 188 -0.23 -19.29 -2.43
N PRO A 189 -0.27 -20.46 -1.75
CA PRO A 189 0.14 -21.73 -2.38
C PRO A 189 -0.73 -22.03 -3.61
N GLN A 190 -0.20 -22.83 -4.54
CA GLN A 190 -0.84 -23.12 -5.84
C GLN A 190 -2.31 -23.56 -5.76
N ASP A 191 -2.63 -24.39 -4.78
CA ASP A 191 -3.96 -25.00 -4.71
C ASP A 191 -4.91 -24.29 -3.73
N LYS A 192 -4.51 -23.10 -3.26
CA LYS A 192 -5.28 -22.38 -2.24
C LYS A 192 -5.78 -21.04 -2.77
N GLU A 193 -7.00 -20.67 -2.39
CA GLU A 193 -7.60 -19.40 -2.83
C GLU A 193 -7.74 -18.31 -1.74
N PTR A 194 -7.47 -18.66 -0.48
CA PTR A 194 -7.41 -17.66 0.61
C PTR A 194 -6.30 -18.00 1.58
O PTR A 194 -5.83 -19.15 1.64
CB PTR A 194 -8.78 -17.44 1.29
CG PTR A 194 -9.24 -18.65 2.09
CD1 PTR A 194 -10.10 -19.60 1.51
CD2 PTR A 194 -8.84 -18.80 3.43
CE1 PTR A 194 -10.51 -20.71 2.27
CE2 PTR A 194 -9.25 -19.91 4.17
CZ PTR A 194 -10.11 -20.87 3.61
OH PTR A 194 -10.47 -21.95 4.40
P PTR A 194 -11.85 -22.78 4.44
O1P PTR A 194 -11.35 -24.18 4.72
O2P PTR A 194 -12.55 -22.66 3.10
O3P PTR A 194 -12.60 -22.15 5.58
N PTR A 195 -5.88 -16.99 2.33
CA PTR A 195 -4.83 -17.13 3.34
C PTR A 195 -5.44 -16.66 4.64
O PTR A 195 -5.83 -15.49 4.78
CB PTR A 195 -3.56 -16.30 3.01
CG PTR A 195 -2.29 -16.95 3.54
CD1 PTR A 195 -2.12 -17.20 4.91
CD2 PTR A 195 -1.25 -17.30 2.66
CE1 PTR A 195 -0.95 -17.80 5.40
CE2 PTR A 195 -0.08 -17.91 3.15
CZ PTR A 195 0.08 -18.15 4.52
OH PTR A 195 1.19 -18.78 5.06
P PTR A 195 2.76 -18.47 4.83
O1P PTR A 195 3.42 -19.62 5.54
O2P PTR A 195 3.00 -18.48 3.34
O3P PTR A 195 2.94 -17.13 5.49
N LYS A 196 -5.55 -17.57 5.60
CA LYS A 196 -6.06 -17.23 6.92
C LYS A 196 -4.87 -16.91 7.80
N VAL A 197 -4.88 -15.72 8.40
CA VAL A 197 -3.76 -15.32 9.24
C VAL A 197 -4.25 -14.68 10.54
N LYS A 198 -4.00 -15.36 11.65
CA LYS A 198 -4.27 -14.69 12.92
C LYS A 198 -3.00 -14.11 13.50
N GLU A 199 -3.10 -12.83 13.82
CA GLU A 199 -1.98 -11.99 14.22
C GLU A 199 -2.38 -11.17 15.44
N PRO A 200 -1.41 -10.88 16.33
CA PRO A 200 -1.68 -10.05 17.49
C PRO A 200 -1.69 -8.57 17.11
N GLY A 201 -2.23 -7.73 17.99
CA GLY A 201 -2.18 -6.28 17.80
C GLY A 201 -3.24 -5.69 16.89
N GLU A 202 -3.02 -4.44 16.49
CA GLU A 202 -3.99 -3.62 15.76
C GLU A 202 -4.12 -4.00 14.29
N SER A 203 -5.35 -3.97 13.79
CA SER A 203 -5.63 -4.14 12.36
C SER A 203 -6.23 -2.86 11.75
N PRO A 204 -5.98 -2.61 10.45
CA PRO A 204 -6.67 -1.48 9.78
C PRO A 204 -8.14 -1.84 9.48
N ILE A 205 -8.94 -1.94 10.54
CA ILE A 205 -10.28 -2.56 10.45
C ILE A 205 -11.23 -1.85 9.47
N PHE A 206 -11.04 -0.54 9.29
CA PHE A 206 -11.95 0.22 8.39
C PHE A 206 -11.68 0.05 6.90
N TRP A 207 -10.65 -0.73 6.58
CA TRP A 207 -10.33 -1.08 5.20
C TRP A 207 -10.59 -2.58 4.92
N TYR A 208 -10.91 -3.33 5.97
CA TYR A 208 -11.05 -4.79 5.91
C TYR A 208 -12.38 -5.26 5.34
N ALA A 209 -12.32 -6.29 4.47
CA ALA A 209 -13.53 -7.00 4.04
C ALA A 209 -14.19 -7.75 5.23
N PRO A 210 -15.53 -7.98 5.19
CA PRO A 210 -16.20 -8.66 6.32
C PRO A 210 -15.59 -10.00 6.71
N GLU A 211 -15.15 -10.79 5.72
CA GLU A 211 -14.55 -12.11 6.01
C GLU A 211 -13.16 -12.01 6.65
N SER A 212 -12.46 -10.90 6.39
CA SER A 212 -11.21 -10.62 7.08
C SER A 212 -11.46 -10.23 8.53
N LEU A 213 -12.51 -9.44 8.77
CA LEU A 213 -12.90 -9.08 10.12
C LEU A 213 -13.37 -10.29 10.94
N THR A 214 -14.22 -11.11 10.35
CA THR A 214 -14.89 -12.20 11.09
C THR A 214 -14.04 -13.47 11.15
N GLU A 215 -13.28 -13.75 10.09
CA GLU A 215 -12.58 -15.04 9.96
C GLU A 215 -11.07 -14.95 9.71
N SER A 216 -10.53 -13.73 9.66
CA SER A 216 -9.11 -13.46 9.37
C SER A 216 -8.69 -14.07 8.04
N LYS A 217 -9.63 -14.07 7.08
CA LYS A 217 -9.43 -14.60 5.73
C LYS A 217 -9.09 -13.51 4.72
N PHE A 218 -7.99 -13.71 4.01
CA PHE A 218 -7.50 -12.72 3.06
C PHE A 218 -7.33 -13.39 1.71
N SER A 219 -7.60 -12.62 0.65
CA SER A 219 -7.63 -13.15 -0.71
C SER A 219 -7.48 -12.00 -1.66
N VAL A 220 -7.35 -12.31 -2.95
CA VAL A 220 -7.42 -11.24 -3.98
C VAL A 220 -8.73 -10.47 -3.81
N ALA A 221 -9.82 -11.18 -3.53
CA ALA A 221 -11.13 -10.53 -3.36
C ALA A 221 -11.20 -9.59 -2.17
N SER A 222 -10.49 -9.91 -1.09
CA SER A 222 -10.41 -8.97 0.03
C SER A 222 -9.55 -7.73 -0.33
N ASP A 223 -8.50 -7.92 -1.14
CA ASP A 223 -7.79 -6.74 -1.71
C ASP A 223 -8.72 -5.86 -2.54
N VAL A 224 -9.63 -6.48 -3.29
CA VAL A 224 -10.62 -5.74 -4.10
C VAL A 224 -11.54 -4.92 -3.18
N TRP A 225 -12.00 -5.53 -2.08
CA TRP A 225 -12.78 -4.76 -1.09
C TRP A 225 -12.00 -3.53 -0.62
N SER A 226 -10.76 -3.75 -0.18
CA SER A 226 -9.93 -2.62 0.27
C SER A 226 -9.72 -1.59 -0.82
N PHE A 227 -9.54 -2.05 -2.06
CA PHE A 227 -9.45 -1.13 -3.20
C PHE A 227 -10.66 -0.20 -3.31
N GLY A 228 -11.84 -0.74 -3.04
CA GLY A 228 -13.07 0.06 -2.97
C GLY A 228 -12.94 1.21 -1.97
N VAL A 229 -12.35 0.93 -0.81
CA VAL A 229 -12.13 1.94 0.21
C VAL A 229 -11.11 2.96 -0.30
N VAL A 230 -10.03 2.49 -0.92
CA VAL A 230 -9.06 3.40 -1.57
C VAL A 230 -9.75 4.37 -2.54
N LEU A 231 -10.65 3.83 -3.36
CA LEU A 231 -11.37 4.65 -4.33
C LEU A 231 -12.25 5.70 -3.62
N TYR A 232 -12.88 5.26 -2.54
CA TYR A 232 -13.61 6.16 -1.67
C TYR A 232 -12.69 7.28 -1.16
N GLU A 233 -11.51 6.90 -0.66
CA GLU A 233 -10.55 7.87 -0.10
C GLU A 233 -10.18 8.90 -1.14
N LEU A 234 -9.90 8.44 -2.37
CA LEU A 234 -9.53 9.36 -3.46
C LEU A 234 -10.61 10.43 -3.69
N PHE A 235 -11.86 9.98 -3.76
CA PHE A 235 -12.97 10.88 -4.06
C PHE A 235 -13.45 11.74 -2.88
N THR A 236 -12.94 11.45 -1.68
CA THR A 236 -13.14 12.35 -0.52
C THR A 236 -12.07 13.42 -0.39
N TYR A 237 -11.04 13.37 -1.25
CA TYR A 237 -9.85 14.26 -1.20
C TYR A 237 -9.19 14.40 0.18
N ILE A 238 -9.28 13.35 1.00
CA ILE A 238 -8.86 13.33 2.42
C ILE A 238 -9.38 14.55 3.25
N GLU A 239 -10.65 14.95 3.02
CA GLU A 239 -11.36 15.86 3.94
C GLU A 239 -11.38 15.13 5.27
N LYS A 240 -10.79 15.75 6.29
CA LYS A 240 -10.52 15.07 7.57
C LYS A 240 -11.76 14.40 8.16
N SER A 241 -12.91 15.08 8.05
CA SER A 241 -14.17 14.56 8.58
C SER A 241 -14.76 13.40 7.77
N LYS A 242 -14.23 13.16 6.57
CA LYS A 242 -14.81 12.17 5.64
C LYS A 242 -14.02 10.86 5.50
N SER A 243 -12.93 10.73 6.25
CA SER A 243 -12.09 9.52 6.23
C SER A 243 -12.92 8.27 6.60
N PRO A 244 -12.55 7.07 6.08
CA PRO A 244 -13.28 5.86 6.49
C PRO A 244 -13.42 5.70 8.03
N PRO A 245 -12.32 5.91 8.82
CA PRO A 245 -12.56 5.83 10.28
C PRO A 245 -13.58 6.85 10.79
N ALA A 246 -13.48 8.10 10.35
CA ALA A 246 -14.41 9.14 10.80
C ALA A 246 -15.87 8.83 10.44
N GLU A 247 -16.11 8.37 9.21
CA GLU A 247 -17.45 8.08 8.74
C GLU A 247 -18.05 6.84 9.39
N PHE A 248 -17.26 5.76 9.47
CA PHE A 248 -17.72 4.55 10.16
C PHE A 248 -18.03 4.81 11.63
N MET A 249 -17.15 5.58 12.30
CA MET A 249 -17.37 5.91 13.72
C MET A 249 -18.64 6.75 13.94
N ARG A 250 -18.91 7.69 13.02
CA ARG A 250 -20.18 8.42 13.05
C ARG A 250 -21.38 7.50 12.90
N MET A 251 -21.28 6.52 12.00
CA MET A 251 -22.38 5.57 11.80
C MET A 251 -22.57 4.64 13.00
N ILE A 252 -21.45 4.17 13.56
CA ILE A 252 -21.40 3.25 14.71
C ILE A 252 -21.80 3.94 16.03
N GLY A 253 -21.40 5.21 16.17
CA GLY A 253 -21.48 5.93 17.45
C GLY A 253 -20.10 6.32 17.94
N ASN A 254 -19.83 7.62 17.95
CA ASN A 254 -18.51 8.21 18.23
C ASN A 254 -17.88 7.88 19.57
N ASP A 255 -18.73 7.55 20.53
CA ASP A 255 -18.30 7.26 21.90
C ASP A 255 -17.81 5.83 22.13
N LYS A 256 -18.10 4.92 21.18
CA LYS A 256 -17.72 3.50 21.30
C LYS A 256 -16.22 3.32 21.39
N GLN A 257 -15.80 2.36 22.20
CA GLN A 257 -14.37 2.07 22.40
C GLN A 257 -14.12 0.58 22.34
N GLY A 258 -12.88 0.22 22.00
CA GLY A 258 -12.39 -1.16 22.06
C GLY A 258 -13.16 -2.11 21.18
N GLN A 259 -13.46 -3.30 21.71
CA GLN A 259 -14.12 -4.36 20.92
C GLN A 259 -15.50 -3.97 20.43
N MET A 260 -16.18 -3.10 21.17
CA MET A 260 -17.51 -2.64 20.80
C MET A 260 -17.52 -2.03 19.40
N ILE A 261 -16.46 -1.29 19.04
CA ILE A 261 -16.31 -0.76 17.68
C ILE A 261 -16.33 -1.91 16.65
N VAL A 262 -15.56 -2.95 16.90
CA VAL A 262 -15.46 -4.07 15.97
C VAL A 262 -16.80 -4.79 15.86
N PHE A 263 -17.46 -5.04 17.00
CA PHE A 263 -18.77 -5.71 17.00
C PHE A 263 -19.76 -4.95 16.12
N HIS A 264 -19.80 -3.63 16.27
CA HIS A 264 -20.77 -2.81 15.53
C HIS A 264 -20.39 -2.66 14.06
N LEU A 265 -19.10 -2.56 13.79
CA LEU A 265 -18.63 -2.51 12.39
C LEU A 265 -19.02 -3.77 11.63
N ILE A 266 -18.81 -4.92 12.24
CA ILE A 266 -19.17 -6.20 11.60
C ILE A 266 -20.68 -6.26 11.32
N GLU A 267 -21.49 -5.97 12.34
CA GLU A 267 -22.96 -6.03 12.22
C GLU A 267 -23.45 -5.05 11.14
N LEU A 268 -22.88 -3.84 11.15
CA LEU A 268 -23.16 -2.83 10.12
C LEU A 268 -22.90 -3.37 8.69
N LEU A 269 -21.69 -3.87 8.48
CA LEU A 269 -21.29 -4.33 7.14
C LEU A 269 -22.06 -5.55 6.65
N LYS A 270 -22.35 -6.48 7.57
CA LYS A 270 -23.06 -7.70 7.22
C LYS A 270 -24.49 -7.40 6.73
N ASN A 271 -25.05 -6.30 7.21
CA ASN A 271 -26.39 -5.90 6.82
C ASN A 271 -26.45 -4.67 5.91
N ASN A 272 -25.39 -4.51 5.09
CA ASN A 272 -25.37 -3.53 3.97
C ASN A 272 -25.09 -2.07 4.33
N GLY A 273 -24.63 -1.81 5.56
CA GLY A 273 -24.18 -0.46 5.89
C GLY A 273 -22.90 -0.21 5.10
N ARG A 274 -22.80 0.97 4.49
CA ARG A 274 -21.65 1.30 3.63
C ARG A 274 -21.27 2.75 3.78
N LEU A 275 -20.01 3.08 3.48
CA LEU A 275 -19.58 4.48 3.36
C LEU A 275 -20.48 5.21 2.36
N PRO A 276 -20.80 6.49 2.62
CA PRO A 276 -21.73 7.21 1.75
C PRO A 276 -21.01 7.67 0.48
N ARG A 277 -21.78 7.97 -0.57
CA ARG A 277 -21.22 8.59 -1.78
C ARG A 277 -20.61 9.95 -1.42
N PRO A 278 -19.29 10.13 -1.66
CA PRO A 278 -18.66 11.44 -1.37
C PRO A 278 -19.29 12.58 -2.19
N ASP A 279 -19.32 13.78 -1.63
CA ASP A 279 -19.82 14.96 -2.35
C ASP A 279 -19.05 15.14 -3.66
N GLY A 280 -19.80 15.33 -4.74
CA GLY A 280 -19.21 15.54 -6.07
C GLY A 280 -18.71 14.28 -6.79
N CYS A 281 -18.88 13.11 -6.17
CA CYS A 281 -18.49 11.85 -6.78
C CYS A 281 -19.56 11.39 -7.77
N PRO A 282 -19.18 11.18 -9.06
CA PRO A 282 -20.14 10.68 -10.04
C PRO A 282 -20.75 9.33 -9.59
N ASP A 283 -22.05 9.15 -9.83
CA ASP A 283 -22.73 7.88 -9.50
C ASP A 283 -22.03 6.62 -10.05
N GLU A 284 -21.46 6.73 -11.25
CA GLU A 284 -20.77 5.60 -11.89
C GLU A 284 -19.51 5.14 -11.13
N ILE A 285 -18.79 6.10 -10.55
CA ILE A 285 -17.64 5.83 -9.69
C ILE A 285 -18.11 5.25 -8.36
N TYR A 286 -19.17 5.82 -7.77
CA TYR A 286 -19.73 5.22 -6.54
C TYR A 286 -20.20 3.79 -6.78
N MET A 287 -20.81 3.53 -7.94
CA MET A 287 -21.21 2.17 -8.36
C MET A 287 -20.03 1.20 -8.34
N ILE A 288 -18.85 1.64 -8.78
CA ILE A 288 -17.63 0.81 -8.71
C ILE A 288 -17.28 0.47 -7.26
N MET A 289 -17.26 1.47 -6.38
CA MET A 289 -17.00 1.23 -4.94
C MET A 289 -17.99 0.19 -4.39
N THR A 290 -19.28 0.36 -4.69
CA THR A 290 -20.29 -0.52 -4.11
C THR A 290 -20.20 -1.96 -4.63
N GLU A 291 -19.77 -2.15 -5.88
CA GLU A 291 -19.48 -3.49 -6.43
C GLU A 291 -18.27 -4.16 -5.77
N CYS A 292 -17.27 -3.35 -5.42
CA CYS A 292 -16.13 -3.86 -4.65
C CYS A 292 -16.58 -4.30 -3.26
N TRP A 293 -17.53 -3.55 -2.67
CA TRP A 293 -17.99 -3.82 -1.31
C TRP A 293 -19.16 -4.82 -1.32
N ASN A 294 -18.96 -5.96 -1.96
CA ASN A 294 -19.98 -7.02 -1.97
C ASN A 294 -19.64 -7.99 -0.86
N ASN A 295 -20.61 -8.30 0.01
CA ASN A 295 -20.39 -9.36 1.02
C ASN A 295 -20.08 -10.73 0.40
N ASN A 296 -20.61 -10.95 -0.79
CA ASN A 296 -20.38 -12.21 -1.51
C ASN A 296 -19.04 -12.08 -2.22
N VAL A 297 -18.03 -12.76 -1.65
CA VAL A 297 -16.63 -12.70 -2.08
C VAL A 297 -16.48 -12.95 -3.60
N ASN A 298 -17.17 -13.99 -4.08
CA ASN A 298 -17.09 -14.41 -5.49
C ASN A 298 -17.74 -13.49 -6.51
N GLN A 299 -18.55 -12.54 -6.04
CA GLN A 299 -19.20 -11.57 -6.90
C GLN A 299 -18.45 -10.24 -7.04
N ARG A 300 -17.37 -10.07 -6.27
CA ARG A 300 -16.55 -8.85 -6.40
C ARG A 300 -15.86 -8.86 -7.77
N PRO A 301 -15.65 -7.68 -8.38
CA PRO A 301 -14.99 -7.71 -9.71
C PRO A 301 -13.50 -8.07 -9.58
N SER A 302 -12.85 -8.46 -10.67
CA SER A 302 -11.39 -8.65 -10.64
C SER A 302 -10.66 -7.32 -10.83
N PHE A 303 -9.38 -7.26 -10.49
CA PHE A 303 -8.59 -6.07 -10.78
C PHE A 303 -8.49 -5.78 -12.29
N ARG A 304 -8.48 -6.83 -13.09
CA ARG A 304 -8.51 -6.64 -14.56
C ARG A 304 -9.83 -6.02 -15.03
N ASP A 305 -10.96 -6.48 -14.48
CA ASP A 305 -12.29 -5.87 -14.78
C ASP A 305 -12.27 -4.39 -14.43
N LEU A 306 -11.70 -4.06 -13.26
CA LEU A 306 -11.67 -2.69 -12.77
C LEU A 306 -10.80 -1.79 -13.61
N ALA A 307 -9.60 -2.25 -13.96
CA ALA A 307 -8.68 -1.48 -14.79
C ALA A 307 -9.33 -1.16 -16.14
N LEU A 308 -9.97 -2.17 -16.76
CA LEU A 308 -10.65 -1.97 -18.03
C LEU A 308 -11.79 -0.96 -17.91
N ARG A 309 -12.62 -1.11 -16.89
CA ARG A 309 -13.77 -0.21 -16.70
C ARG A 309 -13.27 1.22 -16.49
N VAL A 310 -12.26 1.37 -15.64
CA VAL A 310 -11.73 2.70 -15.34
C VAL A 310 -11.10 3.36 -16.57
N ASP A 311 -10.31 2.60 -17.33
CA ASP A 311 -9.69 3.15 -18.54
C ASP A 311 -10.73 3.46 -19.64
N GLN A 312 -11.82 2.70 -19.66
CA GLN A 312 -12.91 2.97 -20.61
C GLN A 312 -13.65 4.25 -20.25
N ILE A 313 -13.91 4.45 -18.96
CA ILE A 313 -14.45 5.73 -18.47
C ILE A 313 -13.54 6.89 -18.89
N ARG A 314 -12.24 6.74 -18.65
CA ARG A 314 -11.24 7.74 -19.02
C ARG A 314 -11.21 8.00 -20.55
N ASP A 315 -11.29 6.92 -21.33
CA ASP A 315 -11.17 7.01 -22.79
C ASP A 315 -12.41 7.60 -23.45
N ASN A 316 -13.57 7.37 -22.82
CA ASN A 316 -14.88 7.84 -23.30
C ASN A 316 -15.18 9.33 -23.01
N MET A 317 -14.15 10.11 -22.69
CA MET A 317 -14.31 11.56 -22.52
C MET A 317 -13.18 12.33 -23.22
C4 9ZS B . 6.35 5.57 3.94
C5 9ZS B . 6.57 6.16 5.20
C6 9ZS B . 5.70 5.91 6.26
C11 9ZS B . 8.72 5.57 1.13
C8 9ZS B . 7.27 5.86 2.79
C12 9ZS B . 9.61 5.12 0.15
C13 9ZS B . 10.13 6.04 -0.72
C3 9ZS B . 5.20 4.74 3.77
C1 9ZS B . 4.60 5.09 6.09
C2 9ZS B . 4.35 4.50 4.85
CL7 9ZS B . 7.94 7.18 5.48
N9 9ZS B . 8.01 4.92 2.12
N14 9ZS B . 9.80 7.33 -0.63
C15 9ZS B . 8.98 7.85 0.28
C16 9ZS B . 8.38 6.96 1.21
N17 9ZS B . 7.50 7.06 2.25
N18 9ZS B . 8.82 9.25 0.16
C19 9ZS B . 8.66 10.19 1.12
O20 9ZS B . 8.56 9.89 2.29
C21 9ZS B . 8.56 11.65 0.69
C22 9ZS B . 9.15 12.74 1.59
C23 9ZS B . 7.64 12.61 1.44
CL24 9ZS B . 4.78 3.95 2.26
#